data_7QHY
#
_entry.id   7QHY
#
_cell.length_a   76.82
_cell.length_b   76.82
_cell.length_c   174.31
_cell.angle_alpha   90
_cell.angle_beta   90
_cell.angle_gamma   120
#
_symmetry.space_group_name_H-M   'P 32 2 1'
#
loop_
_entity.id
_entity.type
_entity.pdbx_description
1 polymer 'Nonsense-mediated decay protein 4,Nonsense-mediated decay protein 4,Nonsense mediated mRNA decay protein 4 (Nmd4)'
2 non-polymer 'SULFATE ION'
3 non-polymer GLYCEROL
4 water water
#
_entity_poly.entity_id   1
_entity_poly.type   'polypeptide(L)'
_entity_poly.pdbx_seq_one_letter_code
;GPGSILNFIIDSSSFEKGLGNIAIWSKLNDPKLTINAYLPLFTIQELDFQRFKRKSVVAKRALHFIDLLQDSTSFKLHLE
YPELNEAISWNETVKLCQQNSHTSLSQHQISVIPIRFKKLLKSCYYKCHYKSHDLDEDIDHTNEKSDPDDKGWVLVTEDD
TVRSLATQFQIPFISVVEADAIINACIKDKSYVVNEKFSKTVIKKANKVKEQEDGKKVFVT(UNK)(UNK)(UNK)
(UNK)(UNK)DFKNDFLAPRAKSGELWTPTSAKNKS
;
_entity_poly.pdbx_strand_id   A,B
#
loop_
_chem_comp.id
_chem_comp.type
_chem_comp.name
_chem_comp.formula
GOL non-polymer GLYCEROL 'C3 H8 O3'
SO4 non-polymer 'SULFATE ION' 'O4 S -2'
#
# COMPACT_ATOMS: atom_id res chain seq x y z
N PRO A 2 -36.29 5.11 -17.16
CA PRO A 2 -35.75 6.45 -16.88
C PRO A 2 -34.31 6.62 -17.32
N GLY A 3 -33.52 5.55 -17.23
CA GLY A 3 -32.12 5.57 -17.64
C GLY A 3 -31.14 6.05 -16.58
N SER A 4 -30.37 5.12 -16.00
CA SER A 4 -29.37 5.46 -14.99
C SER A 4 -27.98 5.73 -15.57
N ILE A 5 -27.18 6.56 -14.89
CA ILE A 5 -25.86 6.93 -15.37
C ILE A 5 -24.83 7.00 -14.22
N LEU A 6 -23.90 6.02 -14.19
CA LEU A 6 -22.84 5.91 -13.19
C LEU A 6 -21.54 6.59 -13.64
N ASN A 7 -21.05 7.53 -12.83
CA ASN A 7 -19.85 8.29 -13.14
C ASN A 7 -18.73 7.88 -12.21
N PHE A 8 -17.84 7.01 -12.67
CA PHE A 8 -16.74 6.47 -11.88
C PHE A 8 -15.36 7.00 -12.25
N ILE A 9 -14.54 7.39 -11.25
CA ILE A 9 -13.14 7.75 -11.44
C ILE A 9 -12.42 6.50 -11.00
N ILE A 10 -11.73 5.79 -11.91
CA ILE A 10 -11.10 4.52 -11.56
C ILE A 10 -9.58 4.64 -11.32
N ASP A 11 -9.19 4.29 -10.08
CA ASP A 11 -7.88 4.17 -9.45
C ASP A 11 -7.03 3.13 -10.22
N SER A 12 -5.74 3.14 -9.95
CA SER A 12 -4.82 2.15 -10.44
C SER A 12 -5.08 0.76 -9.74
N SER A 13 -5.26 0.74 -8.41
CA SER A 13 -5.45 -0.49 -7.64
C SER A 13 -6.77 -1.20 -7.91
N SER A 14 -7.77 -0.49 -8.41
CA SER A 14 -9.02 -1.09 -8.83
C SER A 14 -8.76 -1.94 -10.08
N PHE A 15 -7.81 -1.55 -10.97
CA PHE A 15 -7.45 -2.34 -12.14
C PHE A 15 -6.62 -3.54 -11.74
N GLU A 16 -5.68 -3.35 -10.81
CA GLU A 16 -4.81 -4.41 -10.35
C GLU A 16 -5.55 -5.50 -9.62
N LYS A 17 -6.50 -5.14 -8.79
CA LYS A 17 -7.27 -6.10 -8.02
C LYS A 17 -8.59 -6.50 -8.67
N GLY A 18 -9.16 -5.64 -9.51
CA GLY A 18 -10.46 -5.87 -10.09
C GLY A 18 -10.58 -5.75 -11.59
N LEU A 19 -9.53 -6.13 -12.31
CA LEU A 19 -9.50 -6.13 -13.75
C LEU A 19 -10.65 -6.96 -14.37
N GLY A 20 -10.93 -8.14 -13.81
CA GLY A 20 -12.01 -9.03 -14.24
C GLY A 20 -13.37 -8.37 -14.11
N ASN A 21 -13.58 -7.62 -13.04
CA ASN A 21 -14.83 -6.93 -12.80
C ASN A 21 -15.01 -5.82 -13.85
N ILE A 22 -13.99 -4.96 -14.05
CA ILE A 22 -13.99 -3.86 -15.02
C ILE A 22 -14.17 -4.38 -16.45
N ALA A 23 -13.52 -5.49 -16.81
CA ALA A 23 -13.64 -6.09 -18.15
C ALA A 23 -15.09 -6.54 -18.40
N ILE A 24 -15.80 -7.01 -17.35
CA ILE A 24 -17.21 -7.39 -17.45
C ILE A 24 -18.09 -6.11 -17.62
N TRP A 25 -17.76 -5.00 -16.93
CA TRP A 25 -18.51 -3.76 -17.12
C TRP A 25 -18.33 -3.25 -18.54
N SER A 26 -17.11 -3.34 -19.10
CA SER A 26 -16.78 -2.83 -20.44
C SER A 26 -17.57 -3.44 -21.59
N LYS A 27 -18.30 -4.55 -21.33
CA LYS A 27 -19.08 -5.27 -22.33
C LYS A 27 -20.59 -5.14 -22.14
N LEU A 28 -21.04 -4.35 -21.15
CA LEU A 28 -22.44 -4.16 -20.85
C LEU A 28 -23.15 -3.43 -21.97
N ASN A 29 -24.26 -4.01 -22.42
CA ASN A 29 -25.05 -3.43 -23.49
C ASN A 29 -26.47 -3.13 -23.00
N ASP A 30 -26.59 -2.20 -22.05
CA ASP A 30 -27.87 -1.83 -21.47
C ASP A 30 -28.23 -0.41 -21.88
N PRO A 31 -29.38 -0.23 -22.56
CA PRO A 31 -29.78 1.13 -22.94
C PRO A 31 -30.18 2.02 -21.75
N LYS A 32 -30.62 1.40 -20.63
CA LYS A 32 -30.98 2.14 -19.42
C LYS A 32 -29.88 2.14 -18.34
N LEU A 33 -28.62 2.04 -18.78
CA LEU A 33 -27.45 2.08 -17.90
C LEU A 33 -26.27 2.61 -18.71
N THR A 34 -25.57 3.62 -18.17
CA THR A 34 -24.40 4.18 -18.80
C THR A 34 -23.33 4.34 -17.75
N ILE A 35 -22.15 3.74 -17.96
CA ILE A 35 -21.02 3.88 -17.05
C ILE A 35 -19.96 4.74 -17.72
N ASN A 36 -19.64 5.88 -17.13
CA ASN A 36 -18.61 6.76 -17.63
C ASN A 36 -17.40 6.48 -16.78
N ALA A 37 -16.39 5.82 -17.35
CA ALA A 37 -15.17 5.48 -16.63
C ALA A 37 -14.06 6.48 -16.93
N TYR A 38 -13.71 7.28 -15.94
CA TYR A 38 -12.72 8.33 -16.03
C TYR A 38 -11.42 7.81 -15.47
N LEU A 39 -10.36 7.88 -16.26
CA LEU A 39 -9.04 7.40 -15.83
C LEU A 39 -8.14 8.60 -15.69
N PRO A 40 -7.91 9.05 -14.45
CA PRO A 40 -6.99 10.19 -14.25
C PRO A 40 -5.58 9.87 -14.69
N LEU A 41 -4.72 10.87 -14.80
CA LEU A 41 -3.33 10.67 -15.16
C LEU A 41 -2.63 9.71 -14.16
N PHE A 42 -3.03 9.78 -12.89
CA PHE A 42 -2.56 8.91 -11.83
C PHE A 42 -2.72 7.43 -12.20
N THR A 43 -3.90 7.02 -12.68
CA THR A 43 -4.18 5.63 -13.00
C THR A 43 -3.19 5.03 -13.97
N ILE A 44 -2.93 5.73 -15.07
CA ILE A 44 -2.02 5.25 -16.09
C ILE A 44 -0.57 5.26 -15.60
N GLN A 45 -0.19 6.36 -14.92
CA GLN A 45 1.15 6.53 -14.38
C GLN A 45 1.50 5.52 -13.32
N GLU A 46 0.55 5.24 -12.44
CA GLU A 46 0.78 4.29 -11.36
C GLU A 46 0.76 2.84 -11.87
N LEU A 47 -0.05 2.52 -12.90
CA LEU A 47 -0.01 1.20 -13.51
C LEU A 47 1.34 1.02 -14.22
N ASP A 48 1.85 2.08 -14.87
CA ASP A 48 3.13 2.07 -15.57
C ASP A 48 4.24 1.81 -14.56
N PHE A 49 4.19 2.48 -13.40
CA PHE A 49 5.14 2.28 -12.31
C PHE A 49 5.09 0.82 -11.83
N GLN A 50 3.90 0.31 -11.55
CA GLN A 50 3.73 -1.07 -11.10
C GLN A 50 4.25 -2.06 -12.11
N ARG A 51 4.05 -1.79 -13.39
CA ARG A 51 4.54 -2.63 -14.47
C ARG A 51 6.06 -2.60 -14.62
N PHE A 52 6.66 -1.41 -14.72
CA PHE A 52 8.09 -1.30 -14.99
C PHE A 52 8.95 -1.36 -13.76
N LYS A 53 8.53 -0.72 -12.66
CA LYS A 53 9.32 -0.70 -11.44
C LYS A 53 9.02 -1.87 -10.50
N ARG A 54 7.76 -2.30 -10.37
CA ARG A 54 7.44 -3.43 -9.49
C ARG A 54 7.32 -4.79 -10.23
N LYS A 55 7.43 -4.77 -11.58
CA LYS A 55 7.34 -5.93 -12.46
C LYS A 55 6.01 -6.66 -12.34
N SER A 56 4.94 -5.92 -12.17
CA SER A 56 3.60 -6.47 -12.01
C SER A 56 3.02 -6.98 -13.34
N VAL A 57 2.60 -8.25 -13.37
CA VAL A 57 2.00 -8.79 -14.58
C VAL A 57 0.56 -8.30 -14.71
N VAL A 58 -0.17 -8.08 -13.60
CA VAL A 58 -1.54 -7.55 -13.70
C VAL A 58 -1.56 -6.09 -14.13
N ALA A 59 -0.56 -5.26 -13.74
CA ALA A 59 -0.50 -3.86 -14.20
C ALA A 59 -0.30 -3.83 -15.72
N LYS A 60 0.56 -4.72 -16.27
CA LYS A 60 0.78 -4.84 -17.71
C LYS A 60 -0.51 -5.28 -18.44
N ARG A 61 -1.23 -6.29 -17.89
CA ARG A 61 -2.48 -6.78 -18.44
C ARG A 61 -3.51 -5.63 -18.43
N ALA A 62 -3.56 -4.85 -17.35
CA ALA A 62 -4.47 -3.70 -17.22
C ALA A 62 -4.18 -2.62 -18.29
N LEU A 63 -2.89 -2.29 -18.55
CA LEU A 63 -2.45 -1.31 -19.54
C LEU A 63 -2.75 -1.77 -20.96
N HIS A 64 -2.52 -3.06 -21.24
CA HIS A 64 -2.84 -3.62 -22.54
C HIS A 64 -4.35 -3.59 -22.76
N PHE A 65 -5.13 -3.91 -21.74
CA PHE A 65 -6.58 -3.89 -21.83
C PHE A 65 -7.10 -2.45 -22.08
N ILE A 66 -6.62 -1.46 -21.29
CA ILE A 66 -7.00 -0.06 -21.44
C ILE A 66 -6.62 0.47 -22.84
N ASP A 67 -5.49 0.04 -23.38
CA ASP A 67 -5.05 0.48 -24.70
C ASP A 67 -5.93 -0.02 -25.84
N LEU A 68 -6.52 -1.18 -25.67
CA LEU A 68 -7.36 -1.79 -26.68
C LEU A 68 -8.82 -1.40 -26.56
N LEU A 69 -9.28 -1.21 -25.34
CA LEU A 69 -10.65 -0.92 -25.00
C LEU A 69 -11.30 0.21 -25.78
N GLN A 70 -12.38 -0.17 -26.46
CA GLN A 70 -13.27 0.65 -27.26
C GLN A 70 -14.61 0.75 -26.54
N ASP A 71 -15.30 1.90 -26.69
CA ASP A 71 -16.58 2.11 -26.01
C ASP A 71 -17.66 1.08 -26.37
N SER A 72 -18.50 0.79 -25.39
CA SER A 72 -19.64 -0.08 -25.48
C SER A 72 -20.91 0.85 -25.49
N THR A 73 -22.13 0.27 -25.61
CA THR A 73 -23.40 1.02 -25.55
C THR A 73 -23.47 1.74 -24.18
N SER A 74 -23.11 1.00 -23.11
CA SER A 74 -23.10 1.50 -21.76
C SER A 74 -21.75 2.01 -21.29
N PHE A 75 -20.67 1.26 -21.56
CA PHE A 75 -19.34 1.62 -21.08
C PHE A 75 -18.62 2.66 -21.91
N LYS A 76 -18.34 3.80 -21.33
CA LYS A 76 -17.67 4.89 -22.01
C LYS A 76 -16.38 5.17 -21.32
N LEU A 77 -15.24 4.94 -21.99
CA LEU A 77 -13.94 5.25 -21.39
C LEU A 77 -13.51 6.68 -21.71
N HIS A 78 -12.87 7.33 -20.74
CA HIS A 78 -12.32 8.68 -20.86
C HIS A 78 -11.01 8.71 -20.14
N LEU A 79 -9.92 8.95 -20.85
CA LEU A 79 -8.61 9.08 -20.24
C LEU A 79 -8.35 10.54 -20.09
N GLU A 80 -7.91 10.94 -18.92
CA GLU A 80 -7.55 12.30 -18.64
C GLU A 80 -6.35 12.71 -19.48
N TYR A 81 -6.46 13.85 -20.15
CA TYR A 81 -5.37 14.39 -20.93
C TYR A 81 -4.21 14.78 -19.97
N PRO A 82 -3.01 14.27 -20.22
CA PRO A 82 -1.91 14.46 -19.25
C PRO A 82 -1.61 15.88 -18.81
N GLU A 83 -1.70 16.85 -19.74
CA GLU A 83 -1.45 18.24 -19.42
C GLU A 83 -2.62 18.87 -18.63
N LEU A 84 -3.85 18.33 -18.73
CA LEU A 84 -5.05 18.84 -18.04
C LEU A 84 -4.85 18.82 -16.53
N ASN A 85 -4.23 17.77 -16.02
CA ASN A 85 -3.87 17.59 -14.62
C ASN A 85 -3.00 18.77 -14.16
N GLU A 86 -2.02 19.17 -14.97
CA GLU A 86 -1.17 20.31 -14.67
C GLU A 86 -1.93 21.64 -14.54
N ALA A 87 -3.01 21.84 -15.31
CA ALA A 87 -3.80 23.07 -15.24
C ALA A 87 -4.75 23.09 -14.01
N ILE A 88 -5.01 21.94 -13.36
CA ILE A 88 -5.87 21.93 -12.16
C ILE A 88 -5.08 22.55 -10.99
N SER A 89 -5.68 23.52 -10.31
CA SER A 89 -5.05 24.15 -9.15
C SER A 89 -4.96 23.25 -7.89
N TRP A 90 -3.75 23.15 -7.35
CA TRP A 90 -3.54 22.44 -6.09
C TRP A 90 -4.10 23.30 -4.95
N ASN A 91 -3.97 24.65 -5.02
CA ASN A 91 -4.51 25.53 -4.00
C ASN A 91 -6.01 25.39 -3.85
N GLU A 92 -6.73 25.19 -4.93
CA GLU A 92 -8.18 24.99 -4.88
C GLU A 92 -8.55 23.61 -4.34
N THR A 93 -7.76 22.60 -4.71
CA THR A 93 -7.92 21.21 -4.31
C THR A 93 -7.77 21.09 -2.79
N VAL A 94 -6.78 21.79 -2.23
CA VAL A 94 -6.51 21.83 -0.80
C VAL A 94 -7.69 22.42 0.02
N LYS A 95 -8.48 23.36 -0.55
CA LYS A 95 -9.65 23.94 0.14
C LYS A 95 -10.65 22.90 0.67
N LEU A 96 -10.85 21.81 -0.08
CA LEU A 96 -11.75 20.71 0.28
C LEU A 96 -11.31 20.02 1.58
N CYS A 97 -10.00 19.96 1.79
CA CYS A 97 -9.40 19.37 2.96
C CYS A 97 -9.56 20.30 4.16
N GLN A 98 -9.30 21.59 3.95
CA GLN A 98 -9.38 22.59 5.01
C GLN A 98 -10.82 22.93 5.41
N GLN A 99 -11.55 23.64 4.52
CA GLN A 99 -12.88 24.24 4.69
C GLN A 99 -14.01 23.34 5.30
N ASN A 100 -14.68 22.51 4.49
CA ASN A 100 -15.83 21.74 4.95
C ASN A 100 -15.45 20.53 5.81
N SER A 101 -14.20 20.03 5.68
CA SER A 101 -13.77 18.87 6.47
C SER A 101 -13.52 19.25 7.92
N HIS A 102 -14.36 18.73 8.81
CA HIS A 102 -14.32 18.92 10.26
C HIS A 102 -13.01 18.33 10.83
N THR A 103 -12.61 17.14 10.30
CA THR A 103 -11.37 16.40 10.62
C THR A 103 -10.41 16.73 9.49
N SER A 104 -9.41 17.60 9.77
CA SER A 104 -8.49 18.05 8.74
C SER A 104 -7.01 17.63 8.97
N LEU A 105 -6.15 17.95 7.99
CA LEU A 105 -4.71 17.70 8.02
C LEU A 105 -3.99 19.04 8.14
N SER A 106 -2.82 19.04 8.78
CA SER A 106 -2.03 20.27 8.94
C SER A 106 -1.38 20.73 7.62
N GLN A 107 -0.88 21.97 7.58
CA GLN A 107 -0.18 22.54 6.42
C GLN A 107 1.01 21.67 6.00
N HIS A 108 1.70 21.07 6.96
CA HIS A 108 2.82 20.18 6.69
C HIS A 108 2.31 18.83 6.17
N GLN A 109 1.22 18.29 6.77
CA GLN A 109 0.60 17.03 6.36
C GLN A 109 0.08 17.08 4.92
N ILE A 110 -0.22 18.29 4.39
CA ILE A 110 -0.67 18.51 3.03
C ILE A 110 0.53 18.46 2.09
N SER A 111 1.63 19.15 2.46
CA SER A 111 2.86 19.24 1.68
C SER A 111 3.63 17.93 1.55
N VAL A 112 3.48 17.03 2.53
CA VAL A 112 4.19 15.75 2.49
C VAL A 112 3.44 14.68 1.67
N ILE A 113 2.18 14.95 1.24
CA ILE A 113 1.40 13.99 0.43
C ILE A 113 2.17 13.73 -0.87
N PRO A 114 2.47 12.46 -1.17
CA PRO A 114 3.26 12.18 -2.37
C PRO A 114 2.68 12.77 -3.65
N ILE A 115 3.56 13.22 -4.57
CA ILE A 115 3.22 13.85 -5.84
C ILE A 115 2.08 13.12 -6.58
N ARG A 116 2.14 11.78 -6.66
CA ARG A 116 1.15 11.00 -7.41
C ARG A 116 -0.24 11.09 -6.83
N PHE A 117 -0.34 11.11 -5.51
CA PHE A 117 -1.62 11.24 -4.81
C PHE A 117 -2.20 12.65 -4.94
N LYS A 118 -1.32 13.66 -5.08
CA LYS A 118 -1.72 15.04 -5.30
C LYS A 118 -2.35 15.19 -6.67
N LYS A 119 -1.82 14.47 -7.70
CA LYS A 119 -2.35 14.45 -9.04
C LYS A 119 -3.71 13.77 -9.02
N LEU A 120 -3.85 12.65 -8.31
CA LEU A 120 -5.13 11.97 -8.19
C LEU A 120 -6.16 12.87 -7.50
N LEU A 121 -5.75 13.60 -6.44
CA LEU A 121 -6.66 14.47 -5.70
C LEU A 121 -7.16 15.61 -6.55
N LYS A 122 -6.29 16.17 -7.40
CA LYS A 122 -6.65 17.23 -8.34
C LYS A 122 -7.70 16.78 -9.37
N SER A 123 -7.57 15.59 -9.92
CA SER A 123 -8.56 15.01 -10.84
C SER A 123 -9.89 14.79 -10.13
N CYS A 124 -9.86 14.37 -8.88
CA CYS A 124 -11.03 14.15 -8.08
C CYS A 124 -11.69 15.47 -7.77
N TYR A 125 -10.92 16.51 -7.41
CA TYR A 125 -11.48 17.84 -7.16
C TYR A 125 -12.16 18.36 -8.45
N TYR A 126 -11.50 18.18 -9.60
CA TYR A 126 -11.96 18.61 -10.91
C TYR A 126 -13.30 18.01 -11.30
N LYS A 127 -13.47 16.70 -11.10
CA LYS A 127 -14.71 16.03 -11.44
C LYS A 127 -15.80 16.14 -10.37
N CYS A 128 -15.43 16.10 -9.08
CA CYS A 128 -16.40 16.06 -8.00
C CYS A 128 -16.85 17.42 -7.48
N HIS A 129 -15.93 18.39 -7.33
CA HIS A 129 -16.29 19.65 -6.68
C HIS A 129 -16.20 20.87 -7.54
N TYR A 130 -15.37 20.83 -8.57
CA TYR A 130 -15.15 21.97 -9.43
C TYR A 130 -16.36 22.28 -10.33
N LYS A 131 -16.73 23.58 -10.41
CA LYS A 131 -17.88 24.02 -11.18
C LYS A 131 -17.52 25.18 -12.13
N ASP A 149 -26.12 15.28 -15.00
CA ASP A 149 -25.64 14.48 -16.12
C ASP A 149 -24.18 14.02 -15.87
N ASP A 150 -23.29 15.00 -15.59
CA ASP A 150 -21.85 14.86 -15.23
C ASP A 150 -21.79 15.21 -13.72
N LYS A 151 -22.54 14.46 -12.90
CA LYS A 151 -22.65 14.69 -11.46
C LYS A 151 -22.70 13.33 -10.71
N GLY A 152 -22.28 13.36 -9.45
CA GLY A 152 -22.23 12.15 -8.64
C GLY A 152 -21.00 11.33 -8.93
N TRP A 153 -19.89 12.01 -9.35
CA TRP A 153 -18.59 11.38 -9.62
C TRP A 153 -18.09 10.75 -8.37
N VAL A 154 -17.79 9.45 -8.46
CA VAL A 154 -17.33 8.71 -7.31
C VAL A 154 -16.06 7.99 -7.68
N LEU A 155 -15.06 8.11 -6.82
CA LEU A 155 -13.79 7.43 -7.00
C LEU A 155 -13.99 5.94 -6.67
N VAL A 156 -13.48 5.04 -7.52
CA VAL A 156 -13.58 3.61 -7.34
C VAL A 156 -12.17 3.18 -7.00
N THR A 157 -11.96 2.77 -5.75
CA THR A 157 -10.62 2.50 -5.24
C THR A 157 -10.53 1.23 -4.41
N GLU A 158 -9.33 0.62 -4.41
CA GLU A 158 -8.98 -0.56 -3.63
C GLU A 158 -7.72 -0.31 -2.74
N ASP A 159 -7.25 0.94 -2.63
CA ASP A 159 -6.05 1.29 -1.90
C ASP A 159 -6.42 2.06 -0.65
N ASP A 160 -5.93 1.64 0.51
CA ASP A 160 -6.28 2.28 1.76
C ASP A 160 -5.67 3.65 1.94
N THR A 161 -4.43 3.88 1.44
CA THR A 161 -3.83 5.21 1.56
C THR A 161 -4.65 6.22 0.66
N VAL A 162 -5.24 5.75 -0.47
CA VAL A 162 -6.10 6.54 -1.34
C VAL A 162 -7.42 6.84 -0.61
N ARG A 163 -8.03 5.81 0.03
CA ARG A 163 -9.28 5.91 0.80
C ARG A 163 -9.20 6.92 1.96
N SER A 164 -8.04 6.99 2.63
CA SER A 164 -7.90 7.97 3.73
C SER A 164 -7.90 9.37 3.18
N LEU A 165 -7.08 9.63 2.14
CA LEU A 165 -7.01 10.93 1.44
C LEU A 165 -8.34 11.36 0.84
N ALA A 166 -9.08 10.43 0.22
CA ALA A 166 -10.41 10.72 -0.30
C ALA A 166 -11.36 11.20 0.81
N THR A 167 -11.33 10.57 2.00
CA THR A 167 -12.16 11.02 3.12
C THR A 167 -11.76 12.45 3.58
N GLN A 168 -10.43 12.69 3.70
CA GLN A 168 -9.89 13.98 4.11
C GLN A 168 -10.28 15.07 3.17
N PHE A 169 -10.24 14.79 1.85
CA PHE A 169 -10.53 15.79 0.81
C PHE A 169 -12.00 15.75 0.33
N GLN A 170 -12.88 15.08 1.08
CA GLN A 170 -14.32 14.99 0.82
C GLN A 170 -14.64 14.50 -0.58
N ILE A 171 -13.90 13.50 -1.02
CA ILE A 171 -14.11 12.88 -2.30
C ILE A 171 -14.91 11.63 -2.05
N PRO A 172 -16.12 11.54 -2.61
CA PRO A 172 -16.89 10.29 -2.46
C PRO A 172 -16.17 9.13 -3.16
N PHE A 173 -16.09 7.99 -2.47
CA PHE A 173 -15.47 6.81 -2.99
C PHE A 173 -16.24 5.54 -2.65
N ILE A 174 -16.06 4.49 -3.45
CA ILE A 174 -16.61 3.15 -3.32
C ILE A 174 -15.52 2.15 -3.75
N SER A 175 -15.71 0.88 -3.43
CA SER A 175 -14.77 -0.15 -3.84
C SER A 175 -15.31 -0.88 -5.12
N VAL A 176 -14.51 -1.75 -5.72
CA VAL A 176 -14.93 -2.47 -6.93
C VAL A 176 -16.17 -3.35 -6.65
N VAL A 177 -16.19 -4.12 -5.49
CA VAL A 177 -17.34 -4.95 -5.15
C VAL A 177 -18.60 -4.11 -4.94
N GLU A 178 -18.45 -2.91 -4.38
CA GLU A 178 -19.54 -1.97 -4.18
C GLU A 178 -20.04 -1.43 -5.54
N ALA A 179 -19.11 -1.02 -6.43
CA ALA A 179 -19.45 -0.57 -7.79
C ALA A 179 -20.20 -1.68 -8.56
N ASP A 180 -19.76 -2.94 -8.37
CA ASP A 180 -20.37 -4.15 -8.93
C ASP A 180 -21.82 -4.32 -8.49
N ALA A 181 -22.10 -4.20 -7.18
CA ALA A 181 -23.46 -4.34 -6.68
C ALA A 181 -24.36 -3.18 -7.07
N ILE A 182 -23.79 -1.98 -7.30
CA ILE A 182 -24.55 -0.83 -7.76
C ILE A 182 -24.96 -1.07 -9.21
N ILE A 183 -24.00 -1.46 -10.08
CA ILE A 183 -24.21 -1.81 -11.48
C ILE A 183 -25.22 -2.94 -11.59
N ASN A 184 -25.04 -3.99 -10.76
CA ASN A 184 -25.91 -5.15 -10.69
C ASN A 184 -27.36 -4.75 -10.37
N ALA A 185 -27.56 -3.80 -9.45
CA ALA A 185 -28.91 -3.35 -9.11
C ALA A 185 -29.52 -2.57 -10.27
N CYS A 186 -28.73 -1.66 -10.88
CA CYS A 186 -29.16 -0.86 -12.04
C CYS A 186 -29.62 -1.72 -13.22
N ILE A 187 -29.10 -2.95 -13.33
CA ILE A 187 -29.52 -3.91 -14.35
C ILE A 187 -30.59 -4.81 -13.76
N VAL A 193 -29.83 -2.02 -2.46
CA VAL A 193 -28.43 -1.83 -2.04
C VAL A 193 -28.20 -0.48 -1.32
N VAL A 194 -27.41 -0.56 -0.26
CA VAL A 194 -26.96 0.50 0.65
C VAL A 194 -25.69 -0.05 1.38
N ASN A 195 -24.60 0.71 1.52
CA ASN A 195 -23.45 0.22 2.34
C ASN A 195 -22.87 1.36 3.17
N GLU A 196 -23.65 1.81 4.16
CA GLU A 196 -23.35 2.97 5.00
C GLU A 196 -23.20 2.58 6.49
N ASP A 227 -1.11 -24.09 -10.70
CA ASP A 227 -1.89 -22.88 -10.49
C ASP A 227 -1.83 -21.90 -11.69
N PHE A 228 -1.56 -22.44 -12.91
CA PHE A 228 -1.50 -21.70 -14.18
C PHE A 228 -2.89 -21.09 -14.49
N LYS A 229 -3.94 -21.89 -14.28
CA LYS A 229 -5.35 -21.53 -14.50
C LYS A 229 -5.78 -20.39 -13.57
N ASN A 230 -5.18 -20.26 -12.38
CA ASN A 230 -5.49 -19.20 -11.40
C ASN A 230 -4.89 -17.86 -11.82
N ASP A 231 -3.66 -17.88 -12.37
CA ASP A 231 -2.94 -16.72 -12.87
C ASP A 231 -3.50 -16.25 -14.23
N PHE A 232 -4.17 -17.13 -14.97
CA PHE A 232 -4.70 -16.85 -16.30
C PHE A 232 -5.98 -16.02 -16.22
N LEU A 233 -6.83 -16.29 -15.22
CA LEU A 233 -8.06 -15.54 -15.04
C LEU A 233 -7.77 -14.16 -14.53
N ALA A 234 -8.54 -13.19 -15.01
CA ALA A 234 -8.40 -11.81 -14.59
C ALA A 234 -8.73 -11.68 -13.12
N PRO A 235 -7.90 -10.95 -12.36
CA PRO A 235 -8.17 -10.79 -10.92
C PRO A 235 -9.56 -10.24 -10.65
N ARG A 236 -10.21 -10.76 -9.62
CA ARG A 236 -11.53 -10.30 -9.24
C ARG A 236 -11.52 -9.74 -7.85
N ALA A 237 -12.19 -8.59 -7.64
CA ALA A 237 -12.22 -7.95 -6.33
C ALA A 237 -13.03 -8.80 -5.38
N LYS A 238 -12.60 -8.84 -4.11
CA LYS A 238 -13.18 -9.67 -3.07
C LYS A 238 -13.38 -8.91 -1.76
N GLY A 240 -15.43 -6.76 0.49
CA GLY A 240 -16.25 -6.75 1.69
C GLY A 240 -17.69 -7.15 1.43
N GLU A 241 -18.57 -6.92 2.42
CA GLU A 241 -19.99 -7.27 2.28
C GLU A 241 -20.90 -6.04 2.32
N LEU A 242 -21.91 -6.02 1.43
CA LEU A 242 -22.87 -4.93 1.32
C LEU A 242 -24.16 -5.23 2.08
N TRP A 243 -24.88 -4.18 2.48
N TRP A 243 -24.86 -4.18 2.51
CA TRP A 243 -26.12 -4.33 3.22
CA TRP A 243 -26.13 -4.32 3.24
C TRP A 243 -27.32 -3.87 2.38
C TRP A 243 -27.32 -3.87 2.37
N THR A 244 -28.50 -4.45 2.59
CA THR A 244 -29.70 -4.07 1.81
C THR A 244 -30.85 -3.63 2.71
N SER B 4 18.47 -6.33 30.60
CA SER B 4 17.55 -6.02 29.51
C SER B 4 18.21 -6.26 28.17
N ILE B 5 17.57 -7.06 27.30
CA ILE B 5 18.09 -7.34 25.97
C ILE B 5 16.93 -7.40 24.97
N LEU B 6 16.84 -6.38 24.13
CA LEU B 6 15.79 -6.25 23.12
C LEU B 6 16.29 -6.75 21.77
N ASN B 7 15.48 -7.58 21.11
CA ASN B 7 15.86 -8.15 19.82
C ASN B 7 14.89 -7.71 18.75
N PHE B 8 15.23 -6.67 17.98
CA PHE B 8 14.33 -6.13 16.98
C PHE B 8 14.76 -6.36 15.55
N ILE B 9 13.82 -6.77 14.71
CA ILE B 9 14.05 -6.91 13.27
C ILE B 9 13.36 -5.64 12.73
N ILE B 10 14.11 -4.69 12.17
CA ILE B 10 13.52 -3.43 11.75
C ILE B 10 13.23 -3.34 10.25
N ASP B 11 11.92 -3.16 9.92
CA ASP B 11 11.26 -2.91 8.62
C ASP B 11 11.86 -1.67 7.91
N SER B 12 11.53 -1.51 6.61
CA SER B 12 11.87 -0.35 5.81
C SER B 12 10.90 0.85 6.21
N SER B 13 9.59 0.57 6.41
CA SER B 13 8.60 1.56 6.81
C SER B 13 8.90 2.15 8.20
N SER B 14 9.60 1.39 9.05
CA SER B 14 10.01 1.88 10.34
C SER B 14 11.07 2.97 10.19
N PHE B 15 11.95 2.86 9.19
CA PHE B 15 12.92 3.92 8.92
C PHE B 15 12.25 5.12 8.20
N GLU B 16 11.22 4.84 7.39
CA GLU B 16 10.49 5.83 6.60
C GLU B 16 9.62 6.69 7.50
N LYS B 17 9.05 6.13 8.58
CA LYS B 17 8.16 6.90 9.45
C LYS B 17 8.70 7.18 10.85
N GLY B 18 9.69 6.42 11.29
CA GLY B 18 10.23 6.57 12.63
C GLY B 18 11.73 6.72 12.71
N LEU B 19 12.33 7.39 11.73
CA LEU B 19 13.78 7.58 11.68
C LEU B 19 14.31 8.34 12.90
N GLY B 20 13.54 9.28 13.41
CA GLY B 20 13.89 10.06 14.59
C GLY B 20 13.94 9.23 15.85
N ASN B 21 13.08 8.19 15.94
CA ASN B 21 13.04 7.28 17.09
C ASN B 21 14.25 6.37 17.06
N ILE B 22 14.54 5.75 15.90
CA ILE B 22 15.69 4.86 15.74
C ILE B 22 16.98 5.62 16.02
N ALA B 23 17.09 6.87 15.55
CA ALA B 23 18.27 7.71 15.78
C ALA B 23 18.51 7.93 17.27
N ILE B 24 17.45 8.04 18.08
CA ILE B 24 17.55 8.19 19.53
C ILE B 24 18.04 6.88 20.17
N TRP B 25 17.61 5.71 19.63
CA TRP B 25 18.05 4.40 20.13
C TRP B 25 19.51 4.18 19.84
N SER B 26 19.98 4.59 18.65
CA SER B 26 21.36 4.43 18.19
C SER B 26 22.35 5.18 19.07
N LYS B 27 21.94 6.35 19.58
CA LYS B 27 22.74 7.20 20.45
C LYS B 27 22.39 6.96 21.92
N LEU B 28 22.15 5.71 22.30
CA LEU B 28 21.79 5.34 23.66
C LEU B 28 22.95 4.58 24.30
N ASN B 29 23.35 5.00 25.50
CA ASN B 29 24.44 4.38 26.23
C ASN B 29 23.95 3.98 27.61
N ASP B 30 23.81 2.66 27.89
CA ASP B 30 23.37 2.18 29.20
C ASP B 30 23.86 0.75 29.43
N PRO B 31 24.38 0.44 30.64
CA PRO B 31 24.81 -0.95 30.90
C PRO B 31 23.63 -1.91 30.99
N LYS B 32 22.58 -1.53 31.77
CA LYS B 32 21.37 -2.33 31.96
C LYS B 32 20.71 -2.76 30.63
N LEU B 33 20.58 -1.83 29.66
CA LEU B 33 19.96 -2.09 28.36
C LEU B 33 20.93 -2.41 27.22
N THR B 34 20.50 -3.28 26.29
CA THR B 34 21.19 -3.66 25.07
C THR B 34 20.11 -3.89 24.01
N ILE B 35 20.19 -3.20 22.85
CA ILE B 35 19.24 -3.32 21.75
C ILE B 35 19.92 -3.88 20.51
N ASN B 36 19.61 -5.13 20.16
CA ASN B 36 20.13 -5.74 18.94
C ASN B 36 19.18 -5.42 17.79
N ALA B 37 19.66 -4.60 16.85
CA ALA B 37 18.86 -4.20 15.72
C ALA B 37 19.26 -4.95 14.44
N TYR B 38 18.45 -5.95 14.07
CA TYR B 38 18.66 -6.72 12.86
C TYR B 38 17.99 -6.03 11.68
N LEU B 39 18.78 -5.75 10.67
CA LEU B 39 18.28 -5.15 9.45
C LEU B 39 18.24 -6.24 8.40
N PRO B 40 17.04 -6.77 8.06
CA PRO B 40 16.97 -7.78 6.99
C PRO B 40 17.35 -7.21 5.62
N LEU B 41 17.59 -8.10 4.66
CA LEU B 41 17.90 -7.72 3.27
C LEU B 41 16.77 -6.88 2.68
N PHE B 42 15.51 -7.22 3.03
CA PHE B 42 14.34 -6.46 2.64
C PHE B 42 14.46 -4.95 2.95
N THR B 43 14.90 -4.57 4.16
CA THR B 43 14.97 -3.19 4.59
C THR B 43 15.90 -2.37 3.71
N ILE B 44 17.09 -2.90 3.46
CA ILE B 44 18.12 -2.24 2.67
C ILE B 44 17.65 -2.05 1.21
N GLN B 45 17.14 -3.13 0.57
CA GLN B 45 16.68 -3.07 -0.81
C GLN B 45 15.40 -2.25 -0.96
N GLU B 46 14.49 -2.26 0.05
CA GLU B 46 13.24 -1.48 -0.06
C GLU B 46 13.47 0.01 0.18
N LEU B 47 14.41 0.38 1.07
CA LEU B 47 14.79 1.77 1.25
C LEU B 47 15.47 2.26 -0.05
N ASP B 48 16.27 1.41 -0.71
CA ASP B 48 16.90 1.71 -1.98
C ASP B 48 15.83 1.93 -3.07
N PHE B 49 14.83 1.04 -3.14
CA PHE B 49 13.74 1.17 -4.09
C PHE B 49 12.98 2.48 -3.86
N GLN B 50 12.70 2.82 -2.59
CA GLN B 50 12.00 4.08 -2.29
C GLN B 50 12.86 5.29 -2.67
N ARG B 51 14.15 5.24 -2.37
CA ARG B 51 15.05 6.36 -2.66
C ARG B 51 15.20 6.63 -4.16
N PHE B 52 15.47 5.58 -4.94
CA PHE B 52 15.69 5.73 -6.37
C PHE B 52 14.40 5.70 -7.21
N LYS B 53 13.50 4.73 -7.00
CA LYS B 53 12.31 4.60 -7.83
C LYS B 53 11.18 5.55 -7.43
N ARG B 54 10.95 5.72 -6.13
CA ARG B 54 9.91 6.60 -5.64
C ARG B 54 10.39 8.02 -5.36
N LYS B 55 11.72 8.27 -5.44
CA LYS B 55 12.36 9.57 -5.18
C LYS B 55 12.06 10.06 -3.75
N SER B 56 11.96 9.13 -2.81
CA SER B 56 11.65 9.40 -1.41
C SER B 56 12.84 10.06 -0.73
N VAL B 57 12.67 11.30 -0.21
CA VAL B 57 13.78 11.95 0.49
C VAL B 57 14.02 11.30 1.87
N VAL B 58 12.95 10.77 2.52
CA VAL B 58 13.12 10.13 3.82
C VAL B 58 13.86 8.79 3.69
N ALA B 59 13.73 8.09 2.54
CA ALA B 59 14.46 6.86 2.31
C ALA B 59 15.95 7.17 2.13
N LYS B 60 16.28 8.28 1.45
CA LYS B 60 17.65 8.76 1.25
C LYS B 60 18.31 9.08 2.60
N ARG B 61 17.57 9.71 3.53
CA ARG B 61 18.08 10.05 4.86
C ARG B 61 18.30 8.79 5.69
N ALA B 62 17.37 7.83 5.62
CA ALA B 62 17.47 6.57 6.37
C ALA B 62 18.64 5.73 5.87
N LEU B 63 18.89 5.75 4.55
CA LEU B 63 20.02 5.03 3.95
C LEU B 63 21.35 5.65 4.39
N HIS B 64 21.42 6.99 4.43
CA HIS B 64 22.61 7.72 4.88
C HIS B 64 22.87 7.45 6.37
N PHE B 65 21.79 7.38 7.19
CA PHE B 65 21.86 7.10 8.62
C PHE B 65 22.41 5.70 8.86
N ILE B 66 21.93 4.71 8.08
CA ILE B 66 22.34 3.32 8.21
C ILE B 66 23.81 3.10 7.84
N ASP B 67 24.29 3.81 6.82
CA ASP B 67 25.69 3.69 6.38
C ASP B 67 26.63 4.26 7.46
N LEU B 68 26.29 5.44 8.00
CA LEU B 68 27.06 6.11 9.05
C LEU B 68 26.96 5.39 10.41
N LEU B 69 25.83 4.70 10.66
CA LEU B 69 25.48 4.01 11.89
C LEU B 69 26.60 3.16 12.50
N GLN B 70 26.99 3.53 13.72
CA GLN B 70 28.03 2.86 14.48
C GLN B 70 27.45 2.37 15.82
N ASP B 71 28.00 1.28 16.37
CA ASP B 71 27.52 0.74 17.63
C ASP B 71 27.81 1.63 18.86
N SER B 72 26.95 1.50 19.86
CA SER B 72 27.08 2.12 21.18
C SER B 72 27.03 0.96 22.23
N THR B 73 27.05 1.27 23.55
CA THR B 73 27.00 0.20 24.55
C THR B 73 25.64 -0.50 24.48
N SER B 74 24.56 0.29 24.37
CA SER B 74 23.23 -0.28 24.23
C SER B 74 22.93 -0.73 22.78
N PHE B 75 22.92 0.19 21.80
CA PHE B 75 22.57 -0.15 20.42
C PHE B 75 23.60 -0.96 19.62
N LYS B 76 23.27 -2.22 19.28
CA LYS B 76 24.12 -3.10 18.48
C LYS B 76 23.45 -3.39 17.14
N LEU B 77 24.03 -2.88 16.03
CA LEU B 77 23.53 -3.04 14.68
C LEU B 77 23.98 -4.37 14.02
N HIS B 78 23.04 -5.10 13.42
CA HIS B 78 23.33 -6.36 12.74
C HIS B 78 22.69 -6.36 11.35
N LEU B 79 23.37 -6.96 10.39
CA LEU B 79 22.85 -7.02 9.02
C LEU B 79 22.65 -8.41 8.57
N GLU B 80 21.64 -8.61 7.75
CA GLU B 80 21.40 -9.86 7.06
C GLU B 80 22.10 -9.71 5.74
N TYR B 81 23.06 -10.57 5.46
CA TYR B 81 23.80 -10.52 4.22
C TYR B 81 23.06 -11.20 3.07
N PRO B 82 23.32 -10.79 1.81
CA PRO B 82 22.55 -11.36 0.68
C PRO B 82 22.59 -12.89 0.52
N GLU B 83 23.76 -13.49 0.77
CA GLU B 83 23.93 -14.94 0.65
C GLU B 83 23.15 -15.72 1.73
N LEU B 84 22.91 -15.11 2.89
CA LEU B 84 22.16 -15.72 3.97
C LEU B 84 20.67 -15.76 3.64
N ASN B 85 20.12 -14.63 3.17
CA ASN B 85 18.72 -14.59 2.81
C ASN B 85 18.43 -15.53 1.64
N GLU B 86 19.34 -15.63 0.68
CA GLU B 86 19.15 -16.51 -0.45
C GLU B 86 19.13 -17.98 -0.04
N ALA B 87 19.91 -18.38 0.98
CA ALA B 87 19.98 -19.76 1.47
C ALA B 87 18.81 -20.16 2.39
N ILE B 88 18.02 -19.19 2.90
CA ILE B 88 16.90 -19.51 3.77
C ILE B 88 15.83 -20.17 2.93
N SER B 89 15.32 -21.33 3.37
CA SER B 89 14.31 -22.04 2.63
C SER B 89 12.97 -21.32 2.66
N TRP B 90 12.42 -21.09 1.46
CA TRP B 90 11.10 -20.49 1.36
C TRP B 90 10.04 -21.54 1.78
N ASN B 91 10.24 -22.83 1.42
CA ASN B 91 9.33 -23.91 1.77
C ASN B 91 9.19 -24.09 3.29
N GLU B 92 10.28 -23.86 4.03
CA GLU B 92 10.24 -23.92 5.48
C GLU B 92 9.53 -22.72 6.06
N THR B 93 9.66 -21.55 5.42
CA THR B 93 9.00 -20.31 5.82
C THR B 93 7.49 -20.48 5.65
N VAL B 94 7.08 -21.06 4.51
CA VAL B 94 5.71 -21.34 4.13
C VAL B 94 5.02 -22.24 5.16
N LYS B 95 5.76 -23.15 5.82
CA LYS B 95 5.23 -24.03 6.86
C LYS B 95 4.58 -23.27 8.05
N LEU B 96 5.12 -22.08 8.40
CA LEU B 96 4.58 -21.24 9.48
C LEU B 96 3.16 -20.74 9.16
N CYS B 97 2.89 -20.50 7.88
CA CYS B 97 1.63 -19.99 7.38
C CYS B 97 0.53 -21.06 7.29
N GLN B 98 0.87 -22.24 6.75
CA GLN B 98 -0.13 -23.28 6.54
C GLN B 98 -0.42 -24.12 7.79
N GLN B 99 0.61 -24.78 8.34
CA GLN B 99 0.55 -25.75 9.43
C GLN B 99 0.03 -25.21 10.78
N ASN B 100 0.76 -24.29 11.43
CA ASN B 100 0.39 -23.83 12.77
C ASN B 100 -0.59 -22.65 12.78
N SER B 101 -0.92 -22.08 11.59
CA SER B 101 -1.88 -20.99 11.53
C SER B 101 -3.29 -21.53 11.36
N HIS B 102 -4.21 -21.05 12.22
CA HIS B 102 -5.62 -21.47 12.27
C HIS B 102 -6.47 -20.86 11.14
N THR B 103 -6.00 -19.75 10.53
CA THR B 103 -6.68 -19.11 9.41
C THR B 103 -5.77 -19.18 8.17
N SER B 104 -5.38 -20.41 7.77
CA SER B 104 -4.49 -20.75 6.65
C SER B 104 -4.75 -20.03 5.31
N LEU B 105 -3.66 -19.80 4.52
CA LEU B 105 -3.71 -19.15 3.20
C LEU B 105 -3.68 -20.18 2.07
N SER B 106 -4.28 -19.85 0.92
CA SER B 106 -4.28 -20.76 -0.23
C SER B 106 -2.91 -20.83 -0.94
N GLN B 107 -2.70 -21.86 -1.78
CA GLN B 107 -1.44 -22.02 -2.50
C GLN B 107 -1.21 -20.84 -3.45
N HIS B 108 -2.29 -20.35 -4.12
CA HIS B 108 -2.19 -19.22 -5.04
C HIS B 108 -1.89 -17.93 -4.31
N GLN B 109 -2.50 -17.72 -3.13
CA GLN B 109 -2.26 -16.53 -2.32
C GLN B 109 -0.81 -16.47 -1.87
N ILE B 110 -0.23 -17.63 -1.54
CA ILE B 110 1.18 -17.74 -1.13
C ILE B 110 2.12 -17.53 -2.32
N SER B 111 1.71 -17.93 -3.52
CA SER B 111 2.51 -17.76 -4.73
C SER B 111 2.59 -16.30 -5.17
N VAL B 112 1.47 -15.56 -5.06
CA VAL B 112 1.39 -14.17 -5.50
C VAL B 112 1.98 -13.17 -4.49
N ILE B 113 2.41 -13.61 -3.27
CA ILE B 113 3.04 -12.69 -2.29
C ILE B 113 4.26 -12.03 -2.95
N PRO B 114 4.34 -10.69 -3.00
CA PRO B 114 5.48 -10.05 -3.67
C PRO B 114 6.84 -10.56 -3.19
N ILE B 115 7.75 -10.81 -4.13
CA ILE B 115 9.06 -11.37 -3.79
C ILE B 115 9.80 -10.59 -2.66
N ARG B 116 9.62 -9.27 -2.55
CA ARG B 116 10.26 -8.50 -1.50
C ARG B 116 9.76 -8.89 -0.11
N PHE B 117 8.47 -9.19 -0.01
CA PHE B 117 7.84 -9.64 1.22
C PHE B 117 8.21 -11.07 1.55
N LYS B 118 8.44 -11.92 0.53
CA LYS B 118 8.92 -13.30 0.74
C LYS B 118 10.29 -13.26 1.39
N LYS B 119 11.17 -12.33 0.95
CA LYS B 119 12.52 -12.13 1.51
C LYS B 119 12.44 -11.63 2.96
N LEU B 120 11.46 -10.78 3.26
CA LEU B 120 11.30 -10.28 4.61
C LEU B 120 10.84 -11.45 5.51
N LEU B 121 9.84 -12.22 5.05
CA LEU B 121 9.29 -13.36 5.77
C LEU B 121 10.33 -14.45 5.99
N LYS B 122 11.28 -14.63 5.05
CA LYS B 122 12.35 -15.59 5.25
C LYS B 122 13.25 -15.14 6.39
N SER B 123 13.59 -13.84 6.47
CA SER B 123 14.41 -13.33 7.58
C SER B 123 13.72 -13.50 8.90
N CYS B 124 12.40 -13.31 8.92
CA CYS B 124 11.62 -13.43 10.12
C CYS B 124 11.53 -14.88 10.54
N TYR B 125 11.36 -15.82 9.59
CA TYR B 125 11.37 -17.26 9.89
C TYR B 125 12.76 -17.62 10.47
N TYR B 126 13.83 -17.14 9.85
CA TYR B 126 15.19 -17.43 10.28
C TYR B 126 15.49 -16.95 11.71
N LYS B 127 14.99 -15.78 12.10
CA LYS B 127 15.26 -15.24 13.43
C LYS B 127 14.27 -15.71 14.50
N CYS B 128 13.00 -15.97 14.12
CA CYS B 128 11.93 -16.35 15.04
C CYS B 128 11.66 -17.87 15.14
N HIS B 129 11.95 -18.67 14.10
CA HIS B 129 11.63 -20.11 14.13
C HIS B 129 12.73 -21.07 13.65
N TYR B 130 13.83 -20.57 13.06
CA TYR B 130 14.86 -21.47 12.54
C TYR B 130 15.52 -22.34 13.60
N LYS B 131 15.47 -23.66 13.38
CA LYS B 131 16.10 -24.64 14.24
C LYS B 131 17.51 -24.82 13.69
N SER B 132 18.54 -24.26 14.38
CA SER B 132 19.91 -24.36 13.91
C SER B 132 20.54 -25.75 14.03
N ASP B 150 19.79 -15.22 20.66
CA ASP B 150 18.89 -15.14 19.51
C ASP B 150 17.48 -15.62 19.90
N LYS B 151 16.89 -15.02 20.95
CA LYS B 151 15.54 -15.38 21.38
C LYS B 151 14.65 -14.15 21.62
N GLY B 152 13.33 -14.34 21.52
CA GLY B 152 12.36 -13.27 21.69
C GLY B 152 12.41 -12.19 20.63
N TRP B 153 12.76 -12.57 19.37
CA TRP B 153 12.84 -11.64 18.25
C TRP B 153 11.48 -11.08 17.87
N VAL B 154 11.37 -9.75 17.77
CA VAL B 154 10.13 -9.08 17.39
C VAL B 154 10.36 -8.29 16.11
N LEU B 155 9.38 -8.27 15.20
CA LEU B 155 9.48 -7.47 13.98
C LEU B 155 8.93 -6.06 14.26
N VAL B 156 9.70 -5.02 13.95
CA VAL B 156 9.27 -3.65 14.14
C VAL B 156 8.88 -3.08 12.77
N THR B 157 7.56 -2.89 12.58
CA THR B 157 6.97 -2.45 11.33
C THR B 157 5.95 -1.30 11.47
N GLU B 158 5.86 -0.46 10.43
CA GLU B 158 4.86 0.61 10.29
C GLU B 158 4.02 0.39 9.02
N ASP B 159 4.02 -0.84 8.44
CA ASP B 159 3.37 -1.14 7.17
C ASP B 159 2.25 -2.16 7.38
N ASP B 160 1.05 -1.79 6.99
CA ASP B 160 -0.12 -2.64 7.17
C ASP B 160 -0.08 -3.94 6.32
N THR B 161 0.48 -3.91 5.09
CA THR B 161 0.55 -5.17 4.30
C THR B 161 1.57 -6.13 4.97
N VAL B 162 2.68 -5.59 5.52
CA VAL B 162 3.68 -6.36 6.26
C VAL B 162 3.02 -6.96 7.51
N ARG B 163 2.27 -6.14 8.28
CA ARG B 163 1.55 -6.54 9.49
C ARG B 163 0.60 -7.72 9.26
N SER B 164 -0.20 -7.68 8.17
CA SER B 164 -1.11 -8.79 7.88
C SER B 164 -0.38 -10.05 7.35
N LEU B 165 0.83 -9.88 6.82
CA LEU B 165 1.66 -11.03 6.41
C LEU B 165 2.31 -11.66 7.65
N ALA B 166 2.77 -10.83 8.60
CA ALA B 166 3.36 -11.31 9.84
C ALA B 166 2.32 -12.07 10.66
N THR B 167 1.05 -11.63 10.66
CA THR B 167 0.00 -12.34 11.39
C THR B 167 -0.20 -13.74 10.78
N GLN B 168 -0.28 -13.81 9.45
CA GLN B 168 -0.48 -15.05 8.70
C GLN B 168 0.71 -16.02 8.84
N PHE B 169 1.92 -15.49 9.00
CA PHE B 169 3.11 -16.31 9.11
C PHE B 169 3.59 -16.50 10.55
N GLN B 170 2.79 -16.11 11.55
CA GLN B 170 3.12 -16.25 12.99
C GLN B 170 4.38 -15.50 13.46
N ILE B 171 4.64 -14.32 12.91
CA ILE B 171 5.79 -13.52 13.32
C ILE B 171 5.30 -12.45 14.32
N PRO B 172 5.90 -12.37 15.52
CA PRO B 172 5.49 -11.30 16.45
C PRO B 172 5.93 -9.93 15.92
N PHE B 173 5.08 -8.91 16.12
CA PHE B 173 5.38 -7.58 15.61
C PHE B 173 4.86 -6.45 16.49
N ILE B 174 5.61 -5.35 16.51
CA ILE B 174 5.28 -4.14 17.25
C ILE B 174 5.50 -2.90 16.36
N SER B 175 4.93 -1.75 16.76
CA SER B 175 5.12 -0.51 16.02
C SER B 175 6.37 0.23 16.55
N VAL B 176 6.77 1.34 15.91
CA VAL B 176 7.91 2.13 16.38
C VAL B 176 7.61 2.78 17.75
N VAL B 177 6.37 3.29 17.99
CA VAL B 177 6.06 3.84 19.33
C VAL B 177 5.94 2.73 20.35
N GLU B 178 5.33 1.56 20.01
CA GLU B 178 5.26 0.43 20.92
C GLU B 178 6.68 -0.03 21.31
N ALA B 179 7.63 0.01 20.36
CA ALA B 179 9.02 -0.35 20.64
C ALA B 179 9.67 0.68 21.56
N ASP B 180 9.44 1.98 21.32
CA ASP B 180 9.96 3.07 22.17
C ASP B 180 9.45 2.97 23.61
N ALA B 181 8.17 2.62 23.79
CA ALA B 181 7.56 2.42 25.11
C ALA B 181 8.13 1.19 25.84
N ILE B 182 8.67 0.20 25.10
CA ILE B 182 9.31 -0.98 25.66
C ILE B 182 10.69 -0.57 26.14
N ILE B 183 11.46 0.15 25.29
CA ILE B 183 12.82 0.63 25.57
C ILE B 183 12.87 1.51 26.84
N ASN B 184 11.91 2.44 26.99
CA ASN B 184 11.87 3.32 28.15
C ASN B 184 11.42 2.59 29.43
N ALA B 185 10.70 1.47 29.31
CA ALA B 185 10.32 0.65 30.45
C ALA B 185 11.54 -0.16 30.99
N CYS B 186 12.57 -0.37 30.15
CA CYS B 186 13.81 -1.04 30.51
C CYS B 186 14.83 -0.06 31.12
N ILE B 187 14.75 1.23 30.71
CA ILE B 187 15.61 2.30 31.18
C ILE B 187 15.29 2.66 32.64
N LYS B 188 14.02 2.96 32.94
CA LYS B 188 13.63 3.27 34.32
C LYS B 188 13.06 2.03 35.00
N LYS B 249 11.65 13.12 12.07
CA LYS B 249 10.87 11.95 11.68
C LYS B 249 10.30 11.19 12.86
N ASN B 250 10.01 11.88 13.96
CA ASN B 250 9.49 11.25 15.17
C ASN B 250 8.01 10.83 15.07
N LYS B 251 7.73 9.59 15.43
CA LYS B 251 6.37 9.07 15.45
C LYS B 251 5.82 9.29 16.87
N SER B 252 4.61 9.87 16.98
CA SER B 252 3.98 10.19 18.26
C SER B 252 3.60 8.95 19.08
S SO4 C . 7.40 -5.56 -19.37
O1 SO4 C . 7.43 -6.99 -19.71
O2 SO4 C . 6.12 -5.24 -18.77
O3 SO4 C . 8.45 -5.25 -18.39
O4 SO4 C . 7.62 -4.76 -20.58
S SO4 D . 3.96 -2.68 -24.81
O1 SO4 D . 4.23 -4.13 -24.85
O2 SO4 D . 2.67 -2.44 -24.18
O3 SO4 D . 5.01 -1.99 -24.07
O4 SO4 D . 3.92 -2.14 -26.17
C1 GOL E . 13.14 -22.52 -2.14
O1 GOL E . 12.99 -23.49 -1.10
C2 GOL E . 13.60 -21.18 -1.60
O2 GOL E . 14.94 -21.27 -1.10
C3 GOL E . 13.52 -20.10 -2.66
O3 GOL E . 13.71 -18.80 -2.10
C1 GOL F . 22.47 -13.84 10.47
O1 GOL F . 22.51 -12.81 9.49
C2 GOL F . 22.43 -13.29 11.88
O2 GOL F . 22.07 -14.33 12.79
C3 GOL F . 23.77 -12.71 12.27
O3 GOL F . 23.84 -12.41 13.65
C1 GOL G . 9.14 -6.30 -6.15
O1 GOL G . 9.06 -7.11 -4.99
C2 GOL G . 10.48 -5.62 -6.29
O2 GOL G . 10.43 -4.62 -7.33
C3 GOL G . 10.93 -4.98 -5.00
O3 GOL G . 12.23 -4.40 -5.10
C1 GOL H . 3.57 0.50 -3.86
O1 GOL H . 3.90 -0.78 -4.34
C2 GOL H . 4.78 1.07 -3.16
O2 GOL H . 5.10 0.27 -2.02
C3 GOL H . 4.64 2.50 -2.71
O3 GOL H . 5.91 2.97 -2.33
S SO4 I . 25.13 7.82 -1.38
O1 SO4 I . 24.88 6.61 -2.18
O2 SO4 I . 24.50 7.69 -0.06
O3 SO4 I . 26.58 7.99 -1.21
O4 SO4 I . 24.59 8.99 -2.08
#